data_8C6N
#
_entry.id   8C6N
#
_cell.length_a   58.492
_cell.length_b   46.518
_cell.length_c   63.434
_cell.angle_alpha   90.000
_cell.angle_beta   111.840
_cell.angle_gamma   90.000
#
_symmetry.space_group_name_H-M   'P 1 21 1'
#
loop_
_entity.id
_entity.type
_entity.pdbx_description
1 polymer 'Casein kinase II subunit alpha'
2 non-polymer (2~{Z},5~{Z})-5-[(4-methoxy-3-oxidanyl-phenyl)methylidene]-2-phenylimino-1,3-thiazolidin-4-one
3 non-polymer 'SULFATE ION'
4 water water
#
_entity_poly.entity_id   1
_entity_poly.type   'polypeptide(L)'
_entity_poly.pdbx_seq_one_letter_code
;MSGPVPSRARVYTDVNTHRPREYWDYESHVVEWGNQDDYQLVRKLGRGKYSEVFEAINITNNEKVVVKILKPVKKKKIKR
EIKILENLRGGPNIITLADIVKDPVSRTPALVFEHVNNTDFKQLYQTLTDYDIRFYMYEILKALDYCHSMGIMHRDVKPH
NVMIDHEHRKLRLIDWGLAEFYHPGQEYNVRVASRYFKGPELLVDYQMYDYSLDMWSLGCMLASMIFRKEPFFHGHDNYD
QLVRIAKVLGTEDLYDYIDKYNIELDPRFNDILGRHSRKRWERFVHSENQHLVSPEALDFLDKLLRYDHQSRLTAREAME
HPYFYTVVKDQARMGS
;
_entity_poly.pdbx_strand_id   A
#
loop_
_chem_comp.id
_chem_comp.type
_chem_comp.name
_chem_comp.formula
SO4 non-polymer 'SULFATE ION' 'O4 S -2'
TN0 non-polymer (2~{Z},5~{Z})-5-[(4-methoxy-3-oxidanyl-phenyl)methylidene]-2-phenylimino-1,3-thiazolidin-4-one 'C17 H14 N2 O3 S'
#
# COMPACT_ATOMS: atom_id res chain seq x y z
N GLY A 3 -16.77 16.94 18.59
CA GLY A 3 -16.05 15.75 18.14
C GLY A 3 -15.69 15.87 16.67
N PRO A 4 -15.01 14.87 16.11
CA PRO A 4 -14.64 14.93 14.69
C PRO A 4 -15.82 14.62 13.78
N VAL A 5 -15.77 15.20 12.58
CA VAL A 5 -16.81 14.96 11.57
C VAL A 5 -16.60 13.58 10.97
N PRO A 6 -17.65 12.76 10.86
CA PRO A 6 -17.49 11.43 10.25
C PRO A 6 -17.21 11.52 8.76
N SER A 7 -16.64 10.44 8.23
CA SER A 7 -16.28 10.34 6.83
C SER A 7 -16.58 8.93 6.33
N ARG A 8 -16.85 8.83 5.05
CA ARG A 8 -17.10 7.53 4.37
C ARG A 8 -16.32 7.54 3.05
N ALA A 9 -15.93 6.37 2.57
CA ALA A 9 -15.39 6.23 1.22
C ALA A 9 -16.42 6.70 0.20
N ARG A 10 -15.93 7.29 -0.89
CA ARG A 10 -16.82 7.74 -1.96
C ARG A 10 -17.12 6.66 -2.98
N VAL A 11 -16.42 5.51 -2.89
CA VAL A 11 -16.62 4.36 -3.76
C VAL A 11 -16.56 3.09 -2.90
N TYR A 12 -17.17 2.02 -3.41
CA TYR A 12 -17.13 0.69 -2.77
C TYR A 12 -17.55 0.76 -1.30
N THR A 13 -18.46 1.68 -1.00
CA THR A 13 -18.81 1.99 0.37
C THR A 13 -19.47 0.81 1.06
N ASP A 14 -20.39 0.15 0.36
CA ASP A 14 -21.29 -0.84 0.94
C ASP A 14 -20.90 -2.26 0.53
N VAL A 15 -19.64 -2.49 0.19
CA VAL A 15 -19.28 -3.78 -0.41
C VAL A 15 -19.35 -4.89 0.63
N ASN A 16 -18.81 -4.66 1.82
CA ASN A 16 -18.85 -5.69 2.86
C ASN A 16 -20.26 -5.83 3.44
N THR A 17 -21.06 -4.77 3.39
CA THR A 17 -22.41 -4.83 3.96
C THR A 17 -23.25 -5.89 3.24
N HIS A 18 -23.14 -5.94 1.92
CA HIS A 18 -23.97 -6.83 1.12
C HIS A 18 -23.28 -8.14 0.79
N ARG A 19 -22.04 -8.33 1.24
CA ARG A 19 -21.42 -9.64 1.26
C ARG A 19 -22.01 -10.48 2.38
N PRO A 20 -21.95 -11.81 2.26
CA PRO A 20 -22.27 -12.65 3.43
C PRO A 20 -21.28 -12.39 4.54
N ARG A 21 -21.78 -12.47 5.78
CA ARG A 21 -20.94 -12.21 6.95
C ARG A 21 -19.70 -13.09 6.96
N GLU A 22 -19.78 -14.28 6.37
CA GLU A 22 -18.60 -15.15 6.26
C GLU A 22 -17.43 -14.43 5.58
N TYR A 23 -17.74 -13.60 4.58
CA TYR A 23 -16.69 -12.96 3.79
C TYR A 23 -15.79 -12.09 4.66
N TRP A 24 -16.38 -11.25 5.52
CA TRP A 24 -15.60 -10.28 6.29
C TRP A 24 -15.41 -10.62 7.76
N ASP A 25 -16.23 -11.51 8.35
CA ASP A 25 -16.09 -11.91 9.76
C ASP A 25 -14.94 -12.91 9.87
N TYR A 26 -13.72 -12.38 9.79
CA TYR A 26 -12.55 -13.23 9.72
C TYR A 26 -12.27 -13.95 11.04
N GLU A 27 -12.72 -13.41 12.17
CA GLU A 27 -12.52 -14.09 13.45
C GLU A 27 -13.16 -15.46 13.49
N SER A 28 -14.19 -15.70 12.66
CA SER A 28 -14.89 -16.97 12.59
C SER A 28 -14.35 -17.89 11.52
N HIS A 29 -13.25 -17.51 10.86
CA HIS A 29 -12.74 -18.31 9.75
C HIS A 29 -12.10 -19.60 10.24
N VAL A 30 -12.35 -20.70 9.53
CA VAL A 30 -11.75 -21.99 9.87
C VAL A 30 -10.61 -22.26 8.90
N VAL A 31 -9.38 -22.26 9.42
CA VAL A 31 -8.20 -22.47 8.58
C VAL A 31 -8.17 -23.90 8.10
N GLU A 32 -7.96 -24.09 6.81
CA GLU A 32 -7.78 -25.43 6.25
C GLU A 32 -6.30 -25.67 5.97
N TRP A 33 -5.71 -26.59 6.72
CA TRP A 33 -4.26 -26.75 6.78
C TRP A 33 -3.77 -27.70 5.70
N GLY A 34 -2.69 -27.31 5.04
CA GLY A 34 -2.01 -28.20 4.13
C GLY A 34 -1.03 -29.12 4.86
N ASN A 35 -0.17 -29.76 4.08
CA ASN A 35 0.82 -30.69 4.59
C ASN A 35 2.17 -29.99 4.69
N GLN A 36 2.63 -29.75 5.91
CA GLN A 36 3.89 -29.05 6.12
C GLN A 36 5.05 -29.74 5.42
N ASP A 37 5.00 -31.08 5.32
CA ASP A 37 6.11 -31.81 4.71
C ASP A 37 6.20 -31.62 3.20
N ASP A 38 5.20 -31.00 2.56
CA ASP A 38 5.35 -30.67 1.14
C ASP A 38 6.36 -29.55 0.89
N TYR A 39 6.81 -28.83 1.92
CA TYR A 39 7.60 -27.63 1.70
C TYR A 39 8.94 -27.72 2.42
N GLN A 40 10.01 -27.48 1.67
CA GLN A 40 11.39 -27.56 2.15
C GLN A 40 12.04 -26.18 2.08
N LEU A 41 12.38 -25.61 3.24
CA LEU A 41 13.01 -24.29 3.27
C LEU A 41 14.40 -24.34 2.66
N VAL A 42 14.77 -23.26 1.95
CA VAL A 42 16.02 -23.18 1.21
C VAL A 42 16.93 -22.07 1.74
N ARG A 43 16.41 -20.85 1.82
CA ARG A 43 17.18 -19.77 2.42
C ARG A 43 16.25 -18.70 2.98
N LYS A 44 16.66 -18.13 4.12
CA LYS A 44 15.92 -17.03 4.71
C LYS A 44 16.05 -15.80 3.82
N LEU A 45 14.93 -15.13 3.53
CA LEU A 45 14.95 -13.92 2.73
C LEU A 45 14.74 -12.65 3.53
N GLY A 46 14.08 -12.73 4.68
CA GLY A 46 13.82 -11.52 5.44
C GLY A 46 13.31 -11.84 6.81
N ARG A 47 13.50 -10.88 7.71
CA ARG A 47 12.89 -10.91 9.03
C ARG A 47 12.18 -9.59 9.26
N GLY A 48 10.90 -9.67 9.56
CA GLY A 48 10.15 -8.52 10.01
C GLY A 48 9.84 -8.62 11.50
N LYS A 49 9.17 -7.58 11.99
CA LYS A 49 8.72 -7.59 13.37
C LYS A 49 7.71 -8.71 13.63
N TYR A 50 6.96 -9.13 12.60
CA TYR A 50 5.86 -10.06 12.79
C TYR A 50 6.08 -11.42 12.13
N SER A 51 7.13 -11.60 11.34
CA SER A 51 7.34 -12.89 10.68
C SER A 51 8.77 -12.99 10.17
N GLU A 52 9.11 -14.17 9.67
CA GLU A 52 10.26 -14.39 8.82
C GLU A 52 9.78 -15.03 7.52
N VAL A 53 10.51 -14.76 6.45
CA VAL A 53 10.11 -15.16 5.11
C VAL A 53 11.28 -15.92 4.48
N PHE A 54 10.98 -17.07 3.88
CA PHE A 54 11.98 -17.96 3.31
C PHE A 54 11.65 -18.25 1.86
N GLU A 55 12.69 -18.49 1.07
CA GLU A 55 12.49 -19.14 -0.22
C GLU A 55 12.50 -20.64 0.04
N ALA A 56 11.61 -21.37 -0.64
CA ALA A 56 11.46 -22.79 -0.38
C ALA A 56 11.13 -23.52 -1.67
N ILE A 57 10.99 -24.82 -1.55
CA ILE A 57 10.66 -25.71 -2.65
C ILE A 57 9.44 -26.53 -2.24
N ASN A 58 8.47 -26.62 -3.13
CA ASN A 58 7.33 -27.50 -2.93
C ASN A 58 7.64 -28.81 -3.65
N ILE A 59 7.97 -29.85 -2.86
CA ILE A 59 8.52 -31.08 -3.43
C ILE A 59 7.49 -31.94 -4.13
N THR A 60 6.22 -31.54 -4.18
CA THR A 60 5.23 -32.27 -4.96
C THR A 60 5.17 -31.81 -6.40
N ASN A 61 5.72 -30.63 -6.72
CA ASN A 61 5.88 -30.19 -8.10
C ASN A 61 7.28 -29.65 -8.39
N ASN A 62 8.19 -29.70 -7.44
CA ASN A 62 9.56 -29.18 -7.59
C ASN A 62 9.60 -27.69 -7.90
N GLU A 63 8.56 -26.94 -7.55
CA GLU A 63 8.55 -25.51 -7.87
C GLU A 63 8.96 -24.69 -6.65
N LYS A 64 9.54 -23.53 -6.92
CA LYS A 64 9.90 -22.62 -5.85
C LYS A 64 8.64 -21.97 -5.29
N VAL A 65 8.63 -21.72 -3.99
CA VAL A 65 7.58 -20.99 -3.32
C VAL A 65 8.23 -20.13 -2.26
N VAL A 66 7.44 -19.23 -1.68
CA VAL A 66 7.92 -18.36 -0.62
C VAL A 66 7.10 -18.67 0.62
N VAL A 67 7.79 -18.88 1.75
CA VAL A 67 7.17 -19.33 2.99
C VAL A 67 7.34 -18.25 4.04
N LYS A 68 6.21 -17.73 4.52
CA LYS A 68 6.18 -16.70 5.54
C LYS A 68 5.72 -17.33 6.86
N ILE A 69 6.64 -17.49 7.79
CA ILE A 69 6.33 -18.10 9.07
C ILE A 69 6.07 -17.00 10.09
N LEU A 70 4.83 -16.89 10.54
CA LEU A 70 4.46 -15.82 11.47
C LEU A 70 5.17 -15.99 12.81
N LYS A 71 5.75 -14.90 13.31
CA LYS A 71 6.05 -14.80 14.72
C LYS A 71 4.73 -14.83 15.49
N PRO A 72 4.76 -15.18 16.77
CA PRO A 72 3.55 -15.09 17.59
C PRO A 72 2.85 -13.73 17.45
N VAL A 73 1.56 -13.80 17.10
CA VAL A 73 0.68 -12.63 16.99
C VAL A 73 -0.75 -13.09 17.30
N LYS A 74 -1.62 -12.14 17.60
CA LYS A 74 -2.96 -12.51 18.05
C LYS A 74 -3.64 -13.26 16.89
N LYS A 75 -4.27 -14.39 17.22
CA LYS A 75 -5.09 -15.21 16.32
C LYS A 75 -5.98 -14.39 15.40
N LYS A 76 -6.58 -13.32 15.94
CA LYS A 76 -7.37 -12.40 15.14
C LYS A 76 -6.60 -11.94 13.91
N LYS A 77 -5.42 -11.37 14.13
CA LYS A 77 -4.68 -10.77 13.04
C LYS A 77 -4.15 -11.81 12.06
N ILE A 78 -3.82 -13.01 12.55
CA ILE A 78 -3.44 -14.08 11.63
C ILE A 78 -4.60 -14.43 10.71
N LYS A 79 -5.80 -14.60 11.28
CA LYS A 79 -6.94 -14.92 10.44
C LYS A 79 -7.33 -13.76 9.52
N ARG A 80 -7.12 -12.52 9.96
CA ARG A 80 -7.39 -11.39 9.10
C ARG A 80 -6.59 -11.48 7.82
N GLU A 81 -5.26 -11.61 7.94
CA GLU A 81 -4.41 -11.77 6.77
C GLU A 81 -4.81 -12.97 5.92
N ILE A 82 -5.10 -14.10 6.57
CA ILE A 82 -5.47 -15.31 5.84
C ILE A 82 -6.75 -15.08 5.06
N LYS A 83 -7.80 -14.61 5.74
CA LYS A 83 -9.07 -14.38 5.07
C LYS A 83 -8.92 -13.39 3.92
N ILE A 84 -8.09 -12.36 4.09
CA ILE A 84 -7.95 -11.38 3.04
C ILE A 84 -7.25 -12.00 1.84
N LEU A 85 -6.18 -12.75 2.09
CA LEU A 85 -5.48 -13.45 1.01
C LEU A 85 -6.41 -14.41 0.27
N GLU A 86 -7.29 -15.10 1.00
CA GLU A 86 -8.21 -16.04 0.36
C GLU A 86 -9.28 -15.32 -0.43
N ASN A 87 -9.84 -14.23 0.12
CA ASN A 87 -10.83 -13.44 -0.60
C ASN A 87 -10.29 -12.90 -1.92
N LEU A 88 -9.03 -12.42 -1.93
CA LEU A 88 -8.45 -11.73 -3.07
C LEU A 88 -7.75 -12.63 -4.07
N ARG A 89 -7.63 -13.92 -3.77
CA ARG A 89 -6.82 -14.83 -4.58
C ARG A 89 -7.32 -14.89 -6.01
N GLY A 90 -6.40 -14.86 -6.97
CA GLY A 90 -6.73 -14.82 -8.38
C GLY A 90 -6.99 -13.45 -8.96
N GLY A 91 -7.13 -12.41 -8.12
CA GLY A 91 -7.30 -11.06 -8.61
C GLY A 91 -6.07 -10.57 -9.32
N PRO A 92 -6.21 -9.52 -10.14
CA PRO A 92 -5.08 -8.99 -10.91
C PRO A 92 -3.96 -8.53 -10.00
N ASN A 93 -2.78 -9.15 -10.18
CA ASN A 93 -1.53 -8.72 -9.55
C ASN A 93 -1.54 -8.83 -8.02
N ILE A 94 -2.48 -9.59 -7.45
CA ILE A 94 -2.46 -9.94 -6.04
C ILE A 94 -1.61 -11.18 -5.85
N ILE A 95 -0.70 -11.17 -4.87
CA ILE A 95 0.11 -12.35 -4.58
C ILE A 95 -0.81 -13.50 -4.21
N THR A 96 -0.49 -14.69 -4.71
CA THR A 96 -1.34 -15.87 -4.54
C THR A 96 -0.92 -16.65 -3.30
N LEU A 97 -1.86 -16.80 -2.36
CA LEU A 97 -1.72 -17.76 -1.27
C LEU A 97 -1.90 -19.17 -1.83
N ALA A 98 -0.81 -19.94 -1.88
CA ALA A 98 -0.90 -21.31 -2.38
C ALA A 98 -1.37 -22.29 -1.32
N ASP A 99 -1.00 -22.07 -0.06
CA ASP A 99 -1.26 -23.08 0.97
C ASP A 99 -1.06 -22.41 2.32
N ILE A 100 -1.49 -23.10 3.37
CA ILE A 100 -1.21 -22.71 4.74
C ILE A 100 -0.89 -23.97 5.52
N VAL A 101 0.25 -23.99 6.22
CA VAL A 101 0.67 -25.16 6.99
C VAL A 101 1.06 -24.72 8.40
N LYS A 102 1.04 -25.70 9.29
CA LYS A 102 1.44 -25.54 10.69
C LYS A 102 2.94 -25.77 10.78
N ASP A 103 3.69 -24.74 11.13
CA ASP A 103 5.13 -24.95 11.30
C ASP A 103 5.41 -25.65 12.63
N PRO A 104 6.10 -26.79 12.62
CA PRO A 104 6.37 -27.51 13.89
C PRO A 104 7.34 -26.79 14.81
N VAL A 105 8.27 -25.99 14.28
CA VAL A 105 9.24 -25.32 15.15
C VAL A 105 8.62 -24.07 15.76
N SER A 106 8.12 -23.18 14.90
CA SER A 106 7.53 -21.93 15.36
C SER A 106 6.25 -22.14 16.17
N ARG A 107 5.57 -23.27 15.96
CA ARG A 107 4.25 -23.55 16.54
C ARG A 107 3.19 -22.59 16.04
N THR A 108 3.46 -21.85 14.94
CA THR A 108 2.53 -20.88 14.38
C THR A 108 2.23 -21.23 12.92
N PRO A 109 1.26 -20.56 12.28
CA PRO A 109 1.00 -20.84 10.87
C PRO A 109 2.12 -20.31 9.98
N ALA A 110 2.22 -20.92 8.81
CA ALA A 110 3.19 -20.55 7.78
C ALA A 110 2.45 -20.42 6.47
N LEU A 111 2.41 -19.20 5.93
CA LEU A 111 1.73 -18.97 4.66
C LEU A 111 2.68 -19.34 3.52
N VAL A 112 2.16 -20.06 2.52
CA VAL A 112 2.93 -20.51 1.36
C VAL A 112 2.47 -19.68 0.15
N PHE A 113 3.36 -18.89 -0.44
CA PHE A 113 3.01 -18.02 -1.56
C PHE A 113 3.66 -18.50 -2.85
N GLU A 114 3.06 -18.11 -3.98
CA GLU A 114 3.75 -18.15 -5.25
C GLU A 114 5.07 -17.40 -5.14
N HIS A 115 6.06 -17.86 -5.89
CA HIS A 115 7.38 -17.25 -5.91
C HIS A 115 7.46 -16.25 -7.06
N VAL A 116 8.04 -15.09 -6.78
CA VAL A 116 8.27 -14.06 -7.79
C VAL A 116 9.78 -13.92 -7.93
N ASN A 117 10.29 -14.05 -9.15
CA ASN A 117 11.72 -13.87 -9.39
C ASN A 117 11.99 -12.38 -9.38
N ASN A 118 11.97 -11.74 -8.20
CA ASN A 118 11.98 -10.29 -8.17
C ASN A 118 13.36 -9.75 -8.51
N THR A 119 13.37 -8.67 -9.28
CA THR A 119 14.56 -7.85 -9.44
C THR A 119 14.67 -6.97 -8.20
N ASP A 120 15.82 -6.97 -7.54
CA ASP A 120 15.71 -6.23 -6.29
C ASP A 120 15.71 -4.73 -6.55
N PHE A 121 15.33 -3.99 -5.51
CA PHE A 121 14.67 -2.71 -5.64
C PHE A 121 15.62 -1.56 -5.93
N LYS A 122 16.91 -1.72 -5.73
CA LYS A 122 17.79 -0.62 -6.09
C LYS A 122 18.14 -0.67 -7.58
N GLN A 123 18.34 -1.86 -8.14
CA GLN A 123 18.46 -1.97 -9.59
C GLN A 123 17.18 -1.51 -10.26
N LEU A 124 16.03 -1.82 -9.67
CA LEU A 124 14.76 -1.39 -10.30
C LEU A 124 14.67 0.13 -10.23
N TYR A 125 14.93 0.70 -9.07
CA TYR A 125 14.83 2.14 -8.94
C TYR A 125 15.80 2.85 -9.89
N GLN A 126 16.96 2.24 -10.14
CA GLN A 126 17.99 2.91 -10.92
C GLN A 126 17.77 2.82 -12.43
N THR A 127 16.99 1.83 -12.92
CA THR A 127 16.93 1.57 -14.36
C THR A 127 15.54 1.66 -14.99
N LEU A 128 14.46 1.71 -14.21
CA LEU A 128 13.13 1.81 -14.81
C LEU A 128 13.01 3.11 -15.61
N THR A 129 12.53 3.00 -16.85
CA THR A 129 12.34 4.13 -17.73
C THR A 129 11.00 4.82 -17.45
N ASP A 130 10.80 5.98 -18.08
CA ASP A 130 9.50 6.66 -18.04
C ASP A 130 8.36 5.70 -18.39
N TYR A 131 8.52 4.95 -19.47
CA TYR A 131 7.49 4.00 -19.86
C TYR A 131 7.32 2.88 -18.82
N ASP A 132 8.42 2.39 -18.24
CA ASP A 132 8.30 1.33 -17.24
C ASP A 132 7.53 1.81 -16.01
N ILE A 133 7.85 3.02 -15.52
CA ILE A 133 7.15 3.61 -14.38
C ILE A 133 5.65 3.66 -14.64
N ARG A 134 5.26 4.20 -15.80
CA ARG A 134 3.84 4.23 -16.16
C ARG A 134 3.26 2.81 -16.20
N PHE A 135 3.95 1.88 -16.87
CA PHE A 135 3.48 0.52 -16.96
C PHE A 135 3.21 -0.08 -15.57
N TYR A 136 4.20 0.00 -14.68
CA TYR A 136 4.08 -0.66 -13.39
C TYR A 136 3.09 0.07 -12.48
N MET A 137 3.02 1.39 -12.59
CA MET A 137 1.96 2.13 -11.91
C MET A 137 0.59 1.59 -12.28
N TYR A 138 0.35 1.42 -13.58
CA TYR A 138 -0.92 0.85 -14.04
C TYR A 138 -1.14 -0.54 -13.46
N GLU A 139 -0.10 -1.38 -13.45
CA GLU A 139 -0.24 -2.71 -12.87
C GLU A 139 -0.60 -2.65 -11.39
N ILE A 140 -0.06 -1.66 -10.66
CA ILE A 140 -0.38 -1.50 -9.24
C ILE A 140 -1.83 -1.05 -9.07
N LEU A 141 -2.27 -0.11 -9.89
CA LEU A 141 -3.64 0.37 -9.81
C LEU A 141 -4.64 -0.73 -10.08
N LYS A 142 -4.28 -1.68 -10.95
CA LYS A 142 -5.13 -2.86 -11.16
C LYS A 142 -5.32 -3.63 -9.85
N ALA A 143 -4.22 -3.83 -9.12
CA ALA A 143 -4.29 -4.55 -7.85
C ALA A 143 -5.11 -3.78 -6.84
N LEU A 144 -4.87 -2.47 -6.73
CA LEU A 144 -5.57 -1.65 -5.76
C LEU A 144 -7.05 -1.52 -6.09
N ASP A 145 -7.40 -1.24 -7.35
CA ASP A 145 -8.81 -1.21 -7.67
C ASP A 145 -9.48 -2.56 -7.34
N TYR A 146 -8.76 -3.68 -7.54
CA TYR A 146 -9.38 -4.97 -7.24
C TYR A 146 -9.63 -5.12 -5.75
N CYS A 147 -8.61 -4.88 -4.91
CA CYS A 147 -8.83 -5.11 -3.48
C CYS A 147 -9.81 -4.08 -2.89
N HIS A 148 -9.76 -2.84 -3.35
CA HIS A 148 -10.79 -1.86 -2.92
C HIS A 148 -12.18 -2.29 -3.36
N SER A 149 -12.32 -2.81 -4.58
CA SER A 149 -13.64 -3.27 -5.01
C SER A 149 -14.10 -4.49 -4.25
N MET A 150 -13.16 -5.22 -3.64
CA MET A 150 -13.48 -6.38 -2.80
C MET A 150 -13.56 -6.05 -1.31
N GLY A 151 -13.67 -4.77 -0.95
CA GLY A 151 -13.91 -4.38 0.44
C GLY A 151 -12.68 -4.27 1.31
N ILE A 152 -11.48 -4.20 0.72
CA ILE A 152 -10.25 -4.35 1.48
C ILE A 152 -9.33 -3.18 1.15
N MET A 153 -8.74 -2.56 2.18
CA MET A 153 -7.65 -1.60 1.99
C MET A 153 -6.33 -2.23 2.41
N HIS A 154 -5.27 -1.96 1.63
CA HIS A 154 -3.98 -2.61 1.87
C HIS A 154 -3.28 -2.03 3.10
N ARG A 155 -3.15 -0.69 3.18
CA ARG A 155 -2.62 0.05 4.34
C ARG A 155 -1.12 -0.07 4.50
N ASP A 156 -0.40 -0.64 3.54
CA ASP A 156 1.05 -0.68 3.67
C ASP A 156 1.69 -0.65 2.28
N VAL A 157 1.18 0.20 1.39
CA VAL A 157 1.77 0.35 0.06
C VAL A 157 3.10 1.09 0.17
N LYS A 158 4.14 0.49 -0.40
CA LYS A 158 5.51 1.02 -0.41
C LYS A 158 6.31 0.16 -1.38
N PRO A 159 7.46 0.67 -1.86
CA PRO A 159 8.22 -0.09 -2.87
C PRO A 159 8.51 -1.54 -2.48
N HIS A 160 8.85 -1.79 -1.22
CA HIS A 160 9.23 -3.15 -0.80
C HIS A 160 8.06 -4.12 -0.84
N ASN A 161 6.81 -3.65 -0.88
CA ASN A 161 5.67 -4.55 -1.03
C ASN A 161 5.19 -4.69 -2.47
N VAL A 162 6.01 -4.29 -3.43
CA VAL A 162 5.69 -4.42 -4.85
C VAL A 162 6.81 -5.26 -5.46
N MET A 163 6.57 -6.56 -5.59
CA MET A 163 7.56 -7.49 -6.16
C MET A 163 7.47 -7.48 -7.69
N ILE A 164 8.56 -7.15 -8.37
CA ILE A 164 8.58 -7.10 -9.82
C ILE A 164 9.63 -8.07 -10.34
N ASP A 165 9.20 -9.00 -11.20
CA ASP A 165 10.08 -9.77 -12.06
C ASP A 165 10.14 -9.03 -13.38
N HIS A 166 11.10 -8.10 -13.47
CA HIS A 166 11.20 -7.22 -14.63
C HIS A 166 11.41 -7.99 -15.93
N GLU A 167 11.97 -9.20 -15.84
CA GLU A 167 12.17 -10.01 -17.04
C GLU A 167 10.85 -10.30 -17.75
N HIS A 168 9.84 -10.74 -16.99
CA HIS A 168 8.54 -11.07 -17.56
C HIS A 168 7.52 -9.96 -17.37
N ARG A 169 7.96 -8.76 -16.98
CA ARG A 169 7.06 -7.63 -16.81
C ARG A 169 5.92 -7.98 -15.86
N LYS A 170 6.25 -8.73 -14.82
CA LYS A 170 5.27 -9.30 -13.91
C LYS A 170 5.35 -8.60 -12.55
N LEU A 171 4.19 -8.19 -12.03
CA LEU A 171 4.15 -7.45 -10.78
C LEU A 171 3.17 -8.13 -9.83
N ARG A 172 3.49 -8.09 -8.54
CA ARG A 172 2.62 -8.68 -7.52
C ARG A 172 2.68 -7.82 -6.26
N LEU A 173 1.50 -7.50 -5.73
CA LEU A 173 1.41 -6.72 -4.50
C LEU A 173 1.35 -7.70 -3.32
N ILE A 174 2.29 -7.57 -2.38
CA ILE A 174 2.48 -8.53 -1.32
C ILE A 174 2.27 -7.93 0.07
N ASP A 175 2.48 -8.75 1.10
CA ASP A 175 2.40 -8.40 2.52
C ASP A 175 1.08 -7.77 2.96
N TRP A 176 0.02 -8.59 2.96
CA TRP A 176 -1.31 -8.16 3.35
C TRP A 176 -1.56 -8.22 4.84
N GLY A 177 -0.50 -8.23 5.65
CA GLY A 177 -0.60 -8.37 7.09
C GLY A 177 -1.12 -7.14 7.81
N LEU A 178 -1.10 -5.97 7.17
CA LEU A 178 -1.75 -4.79 7.72
C LEU A 178 -3.14 -4.54 7.12
N ALA A 179 -3.53 -5.29 6.10
CA ALA A 179 -4.78 -5.02 5.40
C ALA A 179 -5.97 -5.21 6.31
N GLU A 180 -7.05 -4.47 6.01
CA GLU A 180 -8.29 -4.53 6.77
C GLU A 180 -9.48 -4.45 5.84
N PHE A 181 -10.60 -4.97 6.34
CA PHE A 181 -11.90 -4.76 5.71
C PHE A 181 -12.39 -3.33 5.96
N TYR A 182 -12.96 -2.71 4.94
CA TYR A 182 -13.53 -1.37 5.08
C TYR A 182 -15.00 -1.49 5.44
N HIS A 183 -15.39 -0.88 6.54
CA HIS A 183 -16.79 -0.83 6.96
C HIS A 183 -17.13 0.64 7.18
N PRO A 184 -18.20 1.15 6.59
CA PRO A 184 -18.52 2.58 6.78
C PRO A 184 -18.70 2.92 8.27
N GLY A 185 -18.06 4.01 8.69
CA GLY A 185 -18.19 4.48 10.04
C GLY A 185 -17.23 3.86 11.02
N GLN A 186 -16.46 2.86 10.58
CA GLN A 186 -15.51 2.15 11.48
C GLN A 186 -14.24 2.96 11.71
N GLU A 187 -13.88 3.15 12.99
CA GLU A 187 -12.66 3.86 13.37
C GLU A 187 -11.51 2.85 13.39
N TYR A 188 -10.41 3.18 12.71
CA TYR A 188 -9.30 2.25 12.54
C TYR A 188 -8.07 2.75 13.28
N ASN A 189 -7.10 1.85 13.41
CA ASN A 189 -5.81 2.17 14.00
C ASN A 189 -4.98 3.01 13.02
N VAL A 190 -4.47 4.15 13.50
CA VAL A 190 -3.65 5.02 12.64
C VAL A 190 -2.20 4.59 12.59
N ARG A 191 -1.83 3.53 13.31
CA ARG A 191 -0.43 3.10 13.36
C ARG A 191 -0.18 1.99 12.32
N VAL A 192 -0.38 2.39 11.06
CA VAL A 192 -0.21 1.54 9.90
C VAL A 192 0.63 2.29 8.88
N ALA A 193 1.15 1.52 7.90
CA ALA A 193 2.03 1.99 6.84
C ALA A 193 3.39 2.42 7.39
N SER A 194 4.41 2.34 6.55
CA SER A 194 5.72 2.86 6.89
C SER A 194 5.69 4.39 6.87
N ARG A 195 6.55 5.00 7.67
CA ARG A 195 6.50 6.43 7.98
C ARG A 195 6.41 7.30 6.71
N TYR A 196 7.23 7.01 5.71
CA TYR A 196 7.30 7.89 4.54
C TYR A 196 6.05 7.83 3.68
N PHE A 197 5.21 6.81 3.86
CA PHE A 197 4.03 6.60 3.02
C PHE A 197 2.73 6.75 3.81
N LYS A 198 2.81 7.17 5.07
CA LYS A 198 1.63 7.40 5.91
C LYS A 198 0.84 8.59 5.38
N GLY A 199 -0.47 8.42 5.20
CA GLY A 199 -1.32 9.52 4.77
C GLY A 199 -1.49 10.58 5.84
N PRO A 200 -1.76 11.81 5.41
CA PRO A 200 -2.14 12.86 6.38
C PRO A 200 -3.21 12.43 7.37
N GLU A 201 -4.21 11.63 6.96
CA GLU A 201 -5.22 11.19 7.92
C GLU A 201 -4.60 10.47 9.11
N LEU A 202 -3.60 9.62 8.86
CA LEU A 202 -2.91 8.94 9.93
C LEU A 202 -2.13 9.92 10.80
N LEU A 203 -1.47 10.90 10.17
CA LEU A 203 -0.58 11.80 10.90
C LEU A 203 -1.35 12.83 11.72
N VAL A 204 -2.63 13.06 11.44
CA VAL A 204 -3.45 13.95 12.27
C VAL A 204 -4.39 13.17 13.18
N ASP A 205 -4.22 11.84 13.26
CA ASP A 205 -4.95 10.98 14.20
C ASP A 205 -6.44 10.88 13.85
N TYR A 206 -6.77 10.90 12.55
CA TYR A 206 -8.15 10.79 12.07
C TYR A 206 -8.41 9.32 11.71
N GLN A 207 -9.24 8.66 12.50
CA GLN A 207 -9.33 7.21 12.42
C GLN A 207 -10.34 6.70 11.40
N MET A 208 -11.24 7.53 10.90
CA MET A 208 -12.33 7.02 10.06
C MET A 208 -11.96 7.17 8.57
N TYR A 209 -10.80 6.58 8.24
CA TYR A 209 -10.24 6.62 6.89
C TYR A 209 -10.72 5.41 6.09
N ASP A 210 -10.24 5.28 4.85
CA ASP A 210 -10.80 4.27 3.94
C ASP A 210 -9.75 3.92 2.88
N TYR A 211 -10.21 3.37 1.75
CA TYR A 211 -9.30 2.97 0.66
C TYR A 211 -8.38 4.10 0.21
N SER A 212 -8.84 5.35 0.26
CA SER A 212 -8.04 6.47 -0.24
C SER A 212 -6.69 6.59 0.45
N LEU A 213 -6.49 5.97 1.62
CA LEU A 213 -5.15 5.99 2.21
C LEU A 213 -4.11 5.34 1.29
N ASP A 214 -4.49 4.27 0.59
CA ASP A 214 -3.54 3.60 -0.31
C ASP A 214 -3.13 4.51 -1.46
N MET A 215 -4.02 5.41 -1.88
CA MET A 215 -3.70 6.30 -2.99
C MET A 215 -2.69 7.36 -2.59
N TRP A 216 -2.72 7.82 -1.33
CA TRP A 216 -1.67 8.72 -0.86
C TRP A 216 -0.30 8.03 -0.93
N SER A 217 -0.21 6.83 -0.32
CA SER A 217 1.02 6.05 -0.36
C SER A 217 1.50 5.83 -1.79
N LEU A 218 0.56 5.57 -2.71
CA LEU A 218 0.95 5.37 -4.11
C LEU A 218 1.51 6.66 -4.70
N GLY A 219 0.97 7.81 -4.28
CA GLY A 219 1.53 9.08 -4.74
C GLY A 219 2.95 9.28 -4.26
N CYS A 220 3.21 8.94 -2.99
CA CYS A 220 4.56 9.04 -2.45
C CYS A 220 5.54 8.18 -3.24
N MET A 221 5.14 6.97 -3.61
CA MET A 221 6.01 6.13 -4.45
C MET A 221 6.24 6.79 -5.80
N LEU A 222 5.16 7.25 -6.43
CA LEU A 222 5.28 7.88 -7.74
C LEU A 222 6.21 9.08 -7.69
N ALA A 223 6.08 9.92 -6.65
CA ALA A 223 6.97 11.09 -6.56
C ALA A 223 8.42 10.67 -6.40
N SER A 224 8.67 9.60 -5.63
CA SER A 224 10.05 9.16 -5.46
C SER A 224 10.65 8.68 -6.78
N MET A 225 9.83 8.10 -7.67
CA MET A 225 10.37 7.60 -8.94
C MET A 225 10.59 8.71 -9.96
N ILE A 226 9.57 9.52 -10.22
CA ILE A 226 9.69 10.48 -11.32
C ILE A 226 10.69 11.56 -10.94
N PHE A 227 10.82 11.89 -9.64
CA PHE A 227 11.74 12.94 -9.21
C PHE A 227 13.11 12.41 -8.80
N ARG A 228 13.27 11.10 -8.65
CA ARG A 228 14.51 10.48 -8.17
C ARG A 228 14.90 10.98 -6.78
N LYS A 229 13.96 10.90 -5.86
CA LYS A 229 14.21 11.20 -4.44
C LYS A 229 13.42 10.18 -3.64
N GLU A 230 14.11 9.15 -3.12
CA GLU A 230 13.45 8.07 -2.39
C GLU A 230 13.98 7.97 -0.97
N PRO A 231 13.13 8.12 0.06
CA PRO A 231 11.71 8.43 -0.11
C PRO A 231 11.51 9.92 -0.41
N PHE A 232 10.33 10.31 -0.90
CA PHE A 232 10.13 11.70 -1.27
C PHE A 232 9.91 12.59 -0.06
N PHE A 233 8.99 12.22 0.83
CA PHE A 233 8.79 12.92 2.10
C PHE A 233 9.56 12.17 3.19
N HIS A 234 10.71 12.72 3.60
CA HIS A 234 11.71 11.98 4.38
C HIS A 234 11.77 12.48 5.82
N GLY A 235 10.69 12.25 6.56
CA GLY A 235 10.62 12.75 7.93
C GLY A 235 11.43 11.90 8.90
N HIS A 236 11.95 12.54 9.94
CA HIS A 236 12.73 11.86 10.96
C HIS A 236 11.87 11.11 11.97
N ASP A 237 10.58 11.46 12.07
CA ASP A 237 9.59 10.82 12.92
C ASP A 237 8.22 11.21 12.38
N ASN A 238 7.14 10.70 13.00
CA ASN A 238 5.80 10.94 12.46
C ASN A 238 5.40 12.41 12.52
N TYR A 239 5.93 13.17 13.46
CA TYR A 239 5.64 14.60 13.51
C TYR A 239 6.34 15.32 12.38
N ASP A 240 7.66 15.14 12.27
CA ASP A 240 8.42 15.77 11.21
C ASP A 240 7.97 15.28 9.84
N GLN A 241 7.43 14.07 9.76
CA GLN A 241 6.75 13.59 8.55
C GLN A 241 5.67 14.56 8.10
N LEU A 242 4.80 15.00 9.01
CA LEU A 242 3.76 15.92 8.58
C LEU A 242 4.33 17.27 8.17
N VAL A 243 5.41 17.72 8.83
CA VAL A 243 6.04 18.98 8.46
C VAL A 243 6.65 18.89 7.06
N ARG A 244 7.24 17.75 6.72
CA ARG A 244 7.80 17.59 5.38
C ARG A 244 6.70 17.71 4.33
N ILE A 245 5.55 17.08 4.57
CA ILE A 245 4.44 17.21 3.64
C ILE A 245 3.98 18.65 3.53
N ALA A 246 3.84 19.32 4.67
CA ALA A 246 3.31 20.68 4.69
C ALA A 246 4.25 21.69 4.02
N LYS A 247 5.56 21.39 3.92
CA LYS A 247 6.46 22.29 3.20
C LYS A 247 6.25 22.21 1.70
N VAL A 248 5.56 21.20 1.21
CA VAL A 248 5.27 21.04 -0.21
C VAL A 248 3.81 21.36 -0.50
N LEU A 249 2.88 20.78 0.27
CA LEU A 249 1.46 21.06 0.03
CA LEU A 249 1.46 21.05 0.06
C LEU A 249 0.99 22.35 0.70
N GLY A 250 1.78 22.93 1.60
CA GLY A 250 1.42 24.18 2.24
C GLY A 250 0.64 23.95 3.53
N THR A 251 0.73 24.95 4.42
CA THR A 251 0.02 24.86 5.69
C THR A 251 -1.42 25.34 5.61
N GLU A 252 -1.76 26.28 4.71
CA GLU A 252 -3.14 26.77 4.61
C GLU A 252 -4.12 25.63 4.26
N ASP A 253 -3.75 24.78 3.31
CA ASP A 253 -4.64 23.66 2.97
C ASP A 253 -4.63 22.56 4.03
N LEU A 254 -3.54 22.45 4.79
CA LEU A 254 -3.56 21.56 5.95
C LEU A 254 -4.60 22.01 6.96
N TYR A 255 -4.71 23.33 7.19
CA TYR A 255 -5.71 23.81 8.15
C TYR A 255 -7.11 23.65 7.61
N ASP A 256 -7.33 23.93 6.31
CA ASP A 256 -8.61 23.66 5.67
C ASP A 256 -9.01 22.20 5.90
N TYR A 257 -8.07 21.28 5.70
CA TYR A 257 -8.33 19.84 5.88
C TYR A 257 -8.81 19.54 7.30
N ILE A 258 -8.01 19.87 8.31
CA ILE A 258 -8.42 19.55 9.66
C ILE A 258 -9.65 20.36 10.08
N ASP A 259 -9.83 21.56 9.53
CA ASP A 259 -11.04 22.32 9.86
C ASP A 259 -12.27 21.67 9.26
N LYS A 260 -12.14 21.01 8.11
CA LYS A 260 -13.28 20.32 7.50
C LYS A 260 -13.76 19.16 8.36
N TYR A 261 -12.85 18.43 8.99
CA TYR A 261 -13.25 17.29 9.80
C TYR A 261 -13.26 17.62 11.29
N ASN A 262 -13.17 18.92 11.63
CA ASN A 262 -13.21 19.37 13.02
C ASN A 262 -12.13 18.68 13.85
N ILE A 263 -10.95 18.45 13.21
CA ILE A 263 -9.75 17.86 13.83
C ILE A 263 -8.92 18.99 14.42
N GLU A 264 -8.18 18.65 15.47
CA GLU A 264 -7.26 19.56 16.12
C GLU A 264 -5.86 18.95 16.08
N LEU A 265 -4.87 19.72 15.62
CA LEU A 265 -3.52 19.19 15.59
C LEU A 265 -2.99 19.02 17.00
N ASP A 266 -2.17 18.00 17.19
CA ASP A 266 -1.39 17.87 18.41
C ASP A 266 -0.70 19.21 18.69
N PRO A 267 -0.85 19.77 19.90
CA PRO A 267 -0.17 21.03 20.23
C PRO A 267 1.33 20.99 20.04
N ARG A 268 1.93 19.80 19.93
CA ARG A 268 3.37 19.79 19.76
C ARG A 268 3.79 20.27 18.38
N PHE A 269 2.86 20.36 17.43
CA PHE A 269 3.17 21.01 16.16
C PHE A 269 3.31 22.52 16.29
N ASN A 270 2.87 23.11 17.42
CA ASN A 270 2.84 24.56 17.54
C ASN A 270 4.22 25.18 17.35
N ASP A 271 5.27 24.46 17.69
CA ASP A 271 6.63 24.96 17.62
C ASP A 271 7.38 24.54 16.37
N ILE A 272 6.82 23.65 15.54
CA ILE A 272 7.63 23.01 14.51
C ILE A 272 6.99 23.08 13.14
N LEU A 273 5.72 23.50 13.07
CA LEU A 273 5.01 23.43 11.79
C LEU A 273 5.31 24.61 10.89
N GLY A 274 5.42 25.81 11.45
CA GLY A 274 5.65 27.00 10.65
C GLY A 274 4.48 27.36 9.73
N ARG A 275 4.75 28.31 8.84
CA ARG A 275 3.84 28.71 7.78
C ARG A 275 4.50 28.43 6.44
N HIS A 276 3.82 27.68 5.57
CA HIS A 276 4.39 27.30 4.29
C HIS A 276 3.37 27.47 3.17
N SER A 277 3.81 28.07 2.08
CA SER A 277 3.00 28.13 0.88
C SER A 277 2.99 26.78 0.17
N ARG A 278 1.96 26.54 -0.63
CA ARG A 278 1.93 25.36 -1.48
C ARG A 278 2.84 25.60 -2.67
N LYS A 279 3.59 24.56 -3.03
CA LYS A 279 4.63 24.65 -4.06
C LYS A 279 4.11 24.06 -5.37
N ARG A 280 4.60 24.61 -6.48
CA ARG A 280 4.37 23.98 -7.77
C ARG A 280 5.34 22.81 -7.95
N TRP A 281 4.87 21.73 -8.58
CA TRP A 281 5.67 20.51 -8.68
C TRP A 281 6.89 20.69 -9.57
N GLU A 282 6.87 21.69 -10.46
CA GLU A 282 8.02 21.96 -11.33
C GLU A 282 9.29 22.22 -10.54
N ARG A 283 9.15 22.76 -9.34
CA ARG A 283 10.29 23.03 -8.48
C ARG A 283 11.19 21.80 -8.27
N PHE A 284 10.63 20.59 -8.30
CA PHE A 284 11.40 19.39 -8.05
C PHE A 284 12.02 18.78 -9.29
N VAL A 285 11.75 19.35 -10.46
CA VAL A 285 12.29 18.88 -11.73
C VAL A 285 13.72 19.39 -11.91
N HIS A 286 14.62 18.51 -12.36
CA HIS A 286 15.98 18.92 -12.72
C HIS A 286 16.48 18.01 -13.84
N SER A 287 17.68 18.32 -14.35
CA SER A 287 18.24 17.62 -15.50
C SER A 287 18.45 16.12 -15.29
N GLU A 288 18.45 15.64 -14.05
CA GLU A 288 18.68 14.21 -13.81
C GLU A 288 17.39 13.41 -13.63
N ASN A 289 16.24 14.07 -13.46
CA ASN A 289 14.95 13.40 -13.48
C ASN A 289 14.05 13.87 -14.62
N GLN A 290 14.46 14.89 -15.37
CA GLN A 290 13.68 15.43 -16.49
C GLN A 290 13.01 14.37 -17.36
N HIS A 291 13.79 13.37 -17.76
CA HIS A 291 13.30 12.38 -18.71
C HIS A 291 12.13 11.55 -18.14
N LEU A 292 11.86 11.65 -16.84
CA LEU A 292 10.77 10.93 -16.20
C LEU A 292 9.55 11.80 -15.96
N VAL A 293 9.61 13.09 -16.27
CA VAL A 293 8.56 14.04 -15.95
C VAL A 293 7.86 14.46 -17.23
N SER A 294 6.55 14.56 -17.16
CA SER A 294 5.74 15.13 -18.22
C SER A 294 4.65 15.94 -17.55
N PRO A 295 4.02 16.87 -18.26
CA PRO A 295 2.82 17.51 -17.69
C PRO A 295 1.83 16.48 -17.16
N GLU A 296 1.61 15.38 -17.90
CA GLU A 296 0.69 14.34 -17.44
C GLU A 296 1.15 13.76 -16.11
N ALA A 297 2.46 13.47 -15.98
CA ALA A 297 2.98 12.94 -14.73
C ALA A 297 2.69 13.87 -13.57
N LEU A 298 2.91 15.18 -13.78
CA LEU A 298 2.75 16.11 -12.67
C LEU A 298 1.28 16.26 -12.29
N ASP A 299 0.39 16.31 -13.28
CA ASP A 299 -1.04 16.46 -12.99
C ASP A 299 -1.58 15.22 -12.27
N PHE A 300 -1.16 14.04 -12.70
CA PHE A 300 -1.57 12.81 -12.02
C PHE A 300 -1.08 12.80 -10.57
N LEU A 301 0.22 13.04 -10.37
CA LEU A 301 0.77 13.13 -9.04
C LEU A 301 -0.02 14.12 -8.18
N ASP A 302 -0.24 15.32 -8.74
CA ASP A 302 -0.97 16.38 -8.04
C ASP A 302 -2.35 15.91 -7.57
N LYS A 303 -3.00 15.02 -8.31
CA LYS A 303 -4.34 14.59 -7.94
C LYS A 303 -4.35 13.42 -6.97
N LEU A 304 -3.20 12.77 -6.75
CA LEU A 304 -3.06 11.76 -5.71
C LEU A 304 -2.69 12.38 -4.37
N LEU A 305 -1.75 13.31 -4.36
CA LEU A 305 -1.22 13.85 -3.10
C LEU A 305 -2.10 15.01 -2.66
N ARG A 306 -3.23 14.66 -2.06
CA ARG A 306 -4.17 15.62 -1.50
C ARG A 306 -4.29 15.36 0.00
N TYR A 307 -4.29 16.43 0.80
CA TYR A 307 -4.58 16.29 2.23
C TYR A 307 -5.93 15.59 2.44
N ASP A 308 -7.00 16.15 1.87
CA ASP A 308 -8.33 15.61 2.07
C ASP A 308 -8.43 14.24 1.40
N HIS A 309 -8.49 13.18 2.21
CA HIS A 309 -8.60 11.84 1.65
C HIS A 309 -9.79 11.72 0.72
N GLN A 310 -10.82 12.55 0.92
CA GLN A 310 -12.00 12.52 0.06
C GLN A 310 -11.78 13.16 -1.30
N SER A 311 -10.67 13.86 -1.54
CA SER A 311 -10.43 14.51 -2.84
C SER A 311 -9.38 13.81 -3.69
N ARG A 312 -8.78 12.74 -3.19
CA ARG A 312 -7.81 12.00 -3.99
C ARG A 312 -8.52 11.21 -5.09
N LEU A 313 -7.84 11.00 -6.22
CA LEU A 313 -8.35 10.09 -7.23
C LEU A 313 -8.60 8.71 -6.61
N THR A 314 -9.66 8.04 -7.05
CA THR A 314 -9.77 6.63 -6.69
C THR A 314 -8.82 5.84 -7.60
N ALA A 315 -8.65 4.55 -7.30
CA ALA A 315 -7.80 3.73 -8.16
C ALA A 315 -8.34 3.69 -9.58
N ARG A 316 -9.66 3.53 -9.73
CA ARG A 316 -10.26 3.48 -11.05
C ARG A 316 -10.11 4.81 -11.79
N GLU A 317 -10.42 5.91 -11.10
CA GLU A 317 -10.21 7.23 -11.70
C GLU A 317 -8.78 7.39 -12.19
N ALA A 318 -7.81 6.96 -11.37
CA ALA A 318 -6.41 7.09 -11.74
C ALA A 318 -6.10 6.36 -13.05
N MET A 319 -6.72 5.19 -13.24
CA MET A 319 -6.48 4.42 -14.46
CA MET A 319 -6.50 4.40 -14.45
C MET A 319 -7.06 5.08 -15.69
N GLU A 320 -7.95 6.07 -15.52
CA GLU A 320 -8.46 6.85 -16.64
C GLU A 320 -7.55 8.03 -17.01
N HIS A 321 -6.51 8.31 -16.22
CA HIS A 321 -5.76 9.55 -16.39
C HIS A 321 -4.89 9.52 -17.64
N PRO A 322 -4.74 10.68 -18.30
CA PRO A 322 -3.92 10.73 -19.53
C PRO A 322 -2.50 10.24 -19.35
N TYR A 323 -1.96 10.29 -18.12
CA TYR A 323 -0.63 9.74 -17.87
C TYR A 323 -0.45 8.33 -18.44
N PHE A 324 -1.53 7.55 -18.52
CA PHE A 324 -1.46 6.15 -18.94
C PHE A 324 -1.83 5.95 -20.40
N TYR A 325 -2.11 7.03 -21.14
CA TYR A 325 -2.49 6.88 -22.54
C TYR A 325 -1.39 6.22 -23.37
N THR A 326 -0.12 6.42 -22.97
CA THR A 326 0.98 5.88 -23.77
C THR A 326 1.22 4.40 -23.49
N VAL A 327 0.71 3.88 -22.37
CA VAL A 327 0.92 2.49 -21.99
C VAL A 327 0.10 1.56 -22.88
N VAL A 328 0.75 0.54 -23.44
CA VAL A 328 0.06 -0.44 -24.28
C VAL A 328 -0.91 -1.24 -23.41
N LYS A 329 -2.19 -1.21 -23.76
CA LYS A 329 -3.20 -2.01 -23.08
C LYS A 329 -3.24 -3.40 -23.71
N ASP A 330 -3.52 -4.40 -22.88
CA ASP A 330 -3.64 -5.76 -23.38
C ASP A 330 -5.10 -6.11 -23.68
C01 TN0 B . 10.76 -13.40 -3.55
C03 TN0 B . 8.44 -13.26 -2.91
C04 TN0 B . 7.13 -13.69 -3.11
C06 TN0 B . 6.15 -13.39 -2.17
C07 TN0 B . 6.48 -12.65 -1.03
C08 TN0 B . 7.78 -12.22 -0.84
C09 TN0 B . 8.75 -12.52 -1.77
C10 TN0 B . 5.36 -12.34 -0.04
C11 TN0 B . 5.41 -11.76 1.16
C13 TN0 B . 5.95 -10.65 3.52
C15 TN0 B . 4.07 -11.44 1.92
C18 TN0 B . 7.78 -9.94 4.93
C19 TN0 B . 8.59 -9.18 4.08
C20 TN0 B . 9.90 -8.94 4.44
C21 TN0 B . 10.40 -9.46 5.64
C22 TN0 B . 9.58 -10.19 6.48
C23 TN0 B . 8.28 -10.44 6.13
N14 TN0 B . 4.43 -10.76 3.37
N17 TN0 B . 6.40 -10.16 4.58
O02 TN0 B . 9.39 -13.56 -3.89
O05 TN0 B . 6.84 -14.43 -4.26
O16 TN0 B . 2.95 -11.63 1.56
S12 TN0 B . 6.66 -11.27 2.13
S SO4 C . -6.10 19.38 -0.71
O1 SO4 C . -6.97 19.12 -1.86
O2 SO4 C . -4.74 18.86 -0.92
O3 SO4 C . -6.68 18.73 0.48
O4 SO4 C . -6.04 20.82 -0.48
S SO4 D . -4.18 -3.14 13.14
O1 SO4 D . -5.33 -4.03 13.01
O2 SO4 D . -4.36 -2.00 12.25
O3 SO4 D . -4.05 -2.67 14.50
O4 SO4 D . -2.97 -3.86 12.75
S SO4 E . 4.25 3.90 13.94
O1 SO4 E . 3.18 4.71 14.52
O2 SO4 E . 3.74 3.20 12.76
O3 SO4 E . 4.72 2.93 14.92
O4 SO4 E . 5.39 4.76 13.56
#